data_3M00
#
_entry.id   3M00
#
_cell.length_a   126.100
_cell.length_b   126.100
_cell.length_c   122.380
_cell.angle_alpha   90.00
_cell.angle_beta   90.00
_cell.angle_gamma   90.00
#
_symmetry.space_group_name_H-M   'P 41 21 2'
#
loop_
_entity.id
_entity.type
_entity.pdbx_description
1 polymer 'Aristolochene synthase'
2 non-polymer '(2E,6E)-2-fluoro-3,7,11-trimethyldodeca-2,6,10-trien-1-yl trihydrogen diphosphate'
3 non-polymer 'MAGNESIUM ION'
4 water water
#
_entity_poly.entity_id   1
_entity_poly.type   'polypeptide(L)'
_entity_poly.pdbx_seq_one_letter_code
;GSMASAAVANYEEEIVRPVADFSPSLWGDQFLSFSIKNQVAEKYAKEIEALKEQTRNMLLATGMKLADTLNLIDTIERLG
ISYHFEKEIDDILDQIYNQNSNCNDLCTSALQFRLLRQHGFNISPEIFSKFQDENGKFKESLASDVLGLLNLYEASHVRT
HADDILEDALAFSTIHLESAAPHLKSPLREQVTHALEQCLHKGVPRVETRFFISSIYDKEQSKNNVLLRFAKLDFNLLQM
LHKQELAQVSRWWKDLDFVTTLPYARDRVVECYFWTLGVYFEPQYSQARVMLVKTISMISIVDDTFDAYGTVKELEAYTD
AIQRWDINEIDRLPDYMKISYKAILDLYKDYEKELSSAGRSHIVCHAIERMKEIVRNYNVESTWFIEGYTPPVSEYLSNA
LATTTYYLLATTSYLGMKSATEQDFEWLSKNPKILEASVIICRVIDDTATYEVEKSRGQIATGIECCMRDYGISTKEAMA
KFQNMAETAWKDINEGLLRPTPVSTEFLTPILNLARIIEVTYIHNLDGYTHPEKVLKPHIINLLVDSIKI
;
_entity_poly.pdbx_strand_id   A
#
loop_
_chem_comp.id
_chem_comp.type
_chem_comp.name
_chem_comp.formula
2CF non-polymer '(2E,6E)-2-fluoro-3,7,11-trimethyldodeca-2,6,10-trien-1-yl trihydrogen diphosphate' 'C15 H27 F O7 P2'
MG non-polymer 'MAGNESIUM ION' 'Mg 2'
#
# COMPACT_ATOMS: atom_id res chain seq x y z
N VAL A 16 30.17 15.04 19.05
CA VAL A 16 28.93 15.87 19.13
C VAL A 16 27.79 15.22 18.33
N ARG A 17 26.62 15.09 18.96
CA ARG A 17 25.47 14.48 18.31
C ARG A 17 24.39 15.49 17.97
N PRO A 18 23.50 15.15 17.02
CA PRO A 18 22.41 16.05 16.60
C PRO A 18 21.35 16.15 17.68
N VAL A 19 20.52 17.19 17.60
CA VAL A 19 19.46 17.38 18.59
C VAL A 19 18.34 16.36 18.35
N ALA A 20 18.18 15.44 19.30
CA ALA A 20 17.16 14.39 19.22
C ALA A 20 15.89 14.91 18.59
N ASP A 21 15.14 15.71 19.34
CA ASP A 21 13.90 16.30 18.86
C ASP A 21 12.83 15.21 18.67
N PHE A 22 12.66 14.74 17.44
CA PHE A 22 11.67 13.72 17.12
C PHE A 22 10.38 13.86 17.94
N SER A 23 9.71 12.74 18.20
CA SER A 23 8.47 12.77 18.95
C SER A 23 8.18 11.44 19.61
N PRO A 24 7.73 11.46 20.88
CA PRO A 24 7.41 10.22 21.60
C PRO A 24 6.17 9.56 21.01
N SER A 25 5.96 8.28 21.30
CA SER A 25 4.79 7.58 20.80
C SER A 25 3.56 8.12 21.54
N LEU A 26 2.64 8.69 20.80
CA LEU A 26 1.43 9.26 21.40
C LEU A 26 0.41 8.19 21.76
N TRP A 27 0.72 6.93 21.47
CA TRP A 27 -0.21 5.83 21.76
C TRP A 27 -0.02 5.21 23.13
N GLY A 28 1.04 5.62 23.85
CA GLY A 28 1.27 5.03 25.14
C GLY A 28 1.34 3.53 24.97
N ASP A 29 0.63 2.78 25.80
CA ASP A 29 0.66 1.34 25.67
C ASP A 29 -0.74 0.74 25.59
N GLN A 30 -1.66 1.49 25.00
CA GLN A 30 -3.04 1.02 24.85
C GLN A 30 -3.12 -0.24 23.99
N PHE A 31 -2.08 -0.52 23.20
CA PHE A 31 -2.08 -1.69 22.35
C PHE A 31 -1.28 -2.85 22.93
N LEU A 32 -0.51 -2.57 23.97
CA LEU A 32 0.37 -3.56 24.59
C LEU A 32 -0.24 -4.90 24.93
N SER A 33 -1.47 -4.90 25.43
CA SER A 33 -2.12 -6.16 25.78
C SER A 33 -3.57 -6.17 25.31
N PHE A 34 -3.95 -7.28 24.69
CA PHE A 34 -5.31 -7.44 24.22
C PHE A 34 -5.75 -8.88 24.39
N SER A 35 -6.74 -9.10 25.25
CA SER A 35 -7.26 -10.42 25.51
C SER A 35 -8.50 -10.66 24.65
N ILE A 36 -8.36 -11.54 23.66
CA ILE A 36 -9.46 -11.84 22.76
C ILE A 36 -10.45 -12.84 23.35
N LYS A 37 -11.54 -12.34 23.90
CA LYS A 37 -12.56 -13.22 24.47
C LYS A 37 -13.21 -14.06 23.38
N ASN A 38 -12.80 -15.33 23.33
CA ASN A 38 -13.29 -16.28 22.33
C ASN A 38 -14.82 -16.39 22.25
N GLN A 39 -15.48 -16.08 23.36
CA GLN A 39 -16.95 -16.13 23.40
C GLN A 39 -17.53 -15.32 22.24
N VAL A 40 -17.11 -14.06 22.14
CA VAL A 40 -17.60 -13.18 21.10
C VAL A 40 -17.05 -13.58 19.73
N ALA A 41 -15.78 -13.99 19.70
CA ALA A 41 -15.13 -14.40 18.46
C ALA A 41 -15.80 -15.64 17.87
N GLU A 42 -16.10 -16.61 18.75
CA GLU A 42 -16.74 -17.85 18.32
C GLU A 42 -18.11 -17.57 17.75
N LYS A 43 -18.84 -16.65 18.39
CA LYS A 43 -20.17 -16.27 17.95
C LYS A 43 -20.09 -15.63 16.57
N TYR A 44 -19.17 -14.68 16.42
CA TYR A 44 -18.97 -13.97 15.15
C TYR A 44 -18.60 -14.95 14.05
N ALA A 45 -17.59 -15.78 14.33
CA ALA A 45 -17.11 -16.76 13.38
C ALA A 45 -18.26 -17.61 12.87
N LYS A 46 -19.08 -18.09 13.81
CA LYS A 46 -20.21 -18.93 13.48
C LYS A 46 -21.27 -18.26 12.61
N GLU A 47 -21.63 -17.01 12.89
CA GLU A 47 -22.65 -16.36 12.06
C GLU A 47 -22.06 -15.97 10.72
N ILE A 48 -20.76 -15.67 10.70
CA ILE A 48 -20.10 -15.30 9.46
C ILE A 48 -20.16 -16.48 8.49
N GLU A 49 -19.96 -17.68 9.00
CA GLU A 49 -20.01 -18.88 8.14
C GLU A 49 -21.36 -18.96 7.44
N ALA A 50 -22.42 -18.67 8.17
CA ALA A 50 -23.77 -18.72 7.61
C ALA A 50 -24.01 -17.59 6.62
N LEU A 51 -23.57 -16.38 6.97
CA LEU A 51 -23.76 -15.24 6.09
C LEU A 51 -22.90 -15.42 4.84
N LYS A 52 -21.74 -16.05 5.02
CA LYS A 52 -20.85 -16.29 3.89
C LYS A 52 -21.50 -17.17 2.84
N GLU A 53 -22.20 -18.22 3.27
CA GLU A 53 -22.87 -19.11 2.33
C GLU A 53 -24.09 -18.46 1.69
N GLN A 54 -24.81 -17.66 2.47
CA GLN A 54 -25.96 -16.95 1.91
C GLN A 54 -25.43 -16.03 0.80
N THR A 55 -24.29 -15.42 1.05
CA THR A 55 -23.66 -14.52 0.09
C THR A 55 -23.16 -15.29 -1.14
N ARG A 56 -22.51 -16.43 -0.91
CA ARG A 56 -22.01 -17.23 -2.01
C ARG A 56 -23.17 -17.53 -2.94
N ASN A 57 -24.31 -17.91 -2.36
CA ASN A 57 -25.49 -18.23 -3.16
C ASN A 57 -26.00 -17.02 -3.92
N MET A 58 -25.76 -15.82 -3.39
CA MET A 58 -26.19 -14.60 -4.08
C MET A 58 -25.38 -14.49 -5.38
N LEU A 59 -24.09 -14.78 -5.27
CA LEU A 59 -23.18 -14.71 -6.40
C LEU A 59 -23.46 -15.79 -7.46
N LEU A 60 -23.75 -17.00 -7.00
CA LEU A 60 -24.01 -18.10 -7.89
C LEU A 60 -25.44 -18.17 -8.41
N ALA A 61 -26.16 -17.05 -8.31
CA ALA A 61 -27.53 -17.00 -8.79
C ALA A 61 -27.55 -16.78 -10.30
N THR A 62 -28.41 -17.53 -10.99
CA THR A 62 -28.53 -17.42 -12.43
C THR A 62 -29.59 -16.39 -12.82
N GLY A 63 -29.57 -15.98 -14.08
CA GLY A 63 -30.56 -15.02 -14.56
C GLY A 63 -30.37 -13.58 -14.12
N MET A 64 -29.21 -13.26 -13.58
CA MET A 64 -28.96 -11.87 -13.16
C MET A 64 -28.54 -11.03 -14.34
N LYS A 65 -28.97 -9.78 -14.38
CA LYS A 65 -28.58 -8.87 -15.45
C LYS A 65 -27.14 -8.46 -15.22
N LEU A 66 -26.47 -8.02 -16.28
CA LEU A 66 -25.07 -7.61 -16.19
C LEU A 66 -24.87 -6.54 -15.12
N ALA A 67 -25.61 -5.46 -15.23
CA ALA A 67 -25.51 -4.36 -14.29
C ALA A 67 -25.64 -4.82 -12.84
N ASP A 68 -26.62 -5.68 -12.56
CA ASP A 68 -26.84 -6.16 -11.20
C ASP A 68 -25.71 -7.07 -10.72
N THR A 69 -25.15 -7.85 -11.65
CA THR A 69 -24.05 -8.76 -11.30
C THR A 69 -22.80 -7.95 -10.95
N LEU A 70 -22.50 -6.93 -11.76
CA LEU A 70 -21.33 -6.10 -11.54
C LEU A 70 -21.49 -5.29 -10.25
N ASN A 71 -22.72 -4.87 -9.97
CA ASN A 71 -22.99 -4.10 -8.75
C ASN A 71 -22.82 -4.97 -7.52
N LEU A 72 -23.22 -6.24 -7.62
CA LEU A 72 -23.10 -7.15 -6.50
C LEU A 72 -21.62 -7.37 -6.17
N ILE A 73 -20.85 -7.67 -7.21
CA ILE A 73 -19.41 -7.89 -7.03
C ILE A 73 -18.73 -6.63 -6.50
N ASP A 74 -19.06 -5.49 -7.08
CA ASP A 74 -18.47 -4.22 -6.65
C ASP A 74 -18.77 -3.96 -5.17
N THR A 75 -20.01 -4.25 -4.75
CA THR A 75 -20.40 -4.04 -3.36
C THR A 75 -19.67 -4.98 -2.41
N ILE A 76 -19.58 -6.26 -2.79
CA ILE A 76 -18.88 -7.22 -1.96
C ILE A 76 -17.41 -6.84 -1.85
N GLU A 77 -16.84 -6.31 -2.92
CA GLU A 77 -15.44 -5.88 -2.85
C GLU A 77 -15.28 -4.66 -1.95
N ARG A 78 -16.15 -3.67 -2.12
CA ARG A 78 -16.04 -2.46 -1.29
C ARG A 78 -16.29 -2.76 0.20
N LEU A 79 -17.12 -3.76 0.49
CA LEU A 79 -17.42 -4.14 1.86
C LEU A 79 -16.25 -4.90 2.50
N GLY A 80 -15.23 -5.20 1.70
CA GLY A 80 -14.05 -5.88 2.22
C GLY A 80 -14.19 -7.38 2.47
N ILE A 81 -15.22 -8.00 1.90
CA ILE A 81 -15.42 -9.44 2.11
C ILE A 81 -15.20 -10.28 0.85
N SER A 82 -14.69 -9.67 -0.22
CA SER A 82 -14.46 -10.40 -1.46
C SER A 82 -13.37 -11.46 -1.33
N TYR A 83 -12.50 -11.34 -0.32
CA TYR A 83 -11.44 -12.31 -0.15
C TYR A 83 -11.99 -13.69 0.17
N HIS A 84 -13.29 -13.76 0.48
CA HIS A 84 -13.96 -15.03 0.78
C HIS A 84 -14.45 -15.65 -0.52
N PHE A 85 -14.56 -14.85 -1.57
CA PHE A 85 -15.08 -15.33 -2.84
C PHE A 85 -14.17 -15.15 -4.05
N GLU A 86 -12.87 -15.38 -3.86
CA GLU A 86 -11.91 -15.23 -4.93
C GLU A 86 -12.31 -16.03 -6.18
N LYS A 87 -12.58 -17.32 -6.00
CA LYS A 87 -12.95 -18.19 -7.11
C LYS A 87 -14.28 -17.81 -7.77
N GLU A 88 -15.31 -17.62 -6.96
CA GLU A 88 -16.63 -17.27 -7.50
C GLU A 88 -16.57 -15.99 -8.31
N ILE A 89 -15.94 -14.95 -7.77
CA ILE A 89 -15.86 -13.68 -8.47
C ILE A 89 -15.02 -13.82 -9.74
N ASP A 90 -13.94 -14.59 -9.66
CA ASP A 90 -13.08 -14.77 -10.82
C ASP A 90 -13.86 -15.39 -11.98
N ASP A 91 -14.59 -16.47 -11.72
CA ASP A 91 -15.37 -17.13 -12.77
C ASP A 91 -16.41 -16.22 -13.38
N ILE A 92 -17.07 -15.42 -12.56
CA ILE A 92 -18.08 -14.51 -13.09
C ILE A 92 -17.46 -13.48 -14.00
N LEU A 93 -16.39 -12.83 -13.55
CA LEU A 93 -15.72 -11.82 -14.36
C LEU A 93 -15.13 -12.45 -15.62
N ASP A 94 -14.61 -13.67 -15.49
CA ASP A 94 -14.04 -14.36 -16.64
C ASP A 94 -15.12 -14.54 -17.71
N GLN A 95 -16.29 -15.01 -17.28
CA GLN A 95 -17.41 -15.23 -18.19
C GLN A 95 -17.85 -13.91 -18.81
N ILE A 96 -17.88 -12.85 -18.01
CA ILE A 96 -18.27 -11.53 -18.51
C ILE A 96 -17.24 -11.03 -19.51
N TYR A 97 -15.97 -11.33 -19.25
CA TYR A 97 -14.88 -10.93 -20.13
C TYR A 97 -15.04 -11.60 -21.49
N ASN A 98 -15.27 -12.91 -21.46
CA ASN A 98 -15.40 -13.68 -22.69
C ASN A 98 -16.69 -13.46 -23.47
N GLN A 99 -17.76 -13.03 -22.79
CA GLN A 99 -19.02 -12.78 -23.48
C GLN A 99 -18.88 -11.42 -24.16
N ASN A 100 -17.84 -10.69 -23.75
CA ASN A 100 -17.52 -9.36 -24.25
C ASN A 100 -18.73 -8.54 -24.65
N SER A 101 -19.83 -8.74 -23.94
CA SER A 101 -21.05 -7.99 -24.21
C SER A 101 -20.70 -6.50 -24.06
N ASN A 102 -21.34 -5.65 -24.86
CA ASN A 102 -21.06 -4.22 -24.77
C ASN A 102 -22.30 -3.47 -24.33
N CYS A 103 -22.39 -3.18 -23.03
CA CYS A 103 -23.53 -2.47 -22.48
C CYS A 103 -23.59 -1.08 -23.11
N ASN A 104 -24.76 -0.44 -23.03
CA ASN A 104 -24.94 0.88 -23.65
C ASN A 104 -24.88 2.09 -22.74
N ASP A 105 -24.80 1.91 -21.43
CA ASP A 105 -24.74 3.07 -20.54
C ASP A 105 -23.38 3.21 -19.89
N LEU A 106 -22.96 4.47 -19.74
CA LEU A 106 -21.68 4.80 -19.14
C LEU A 106 -21.45 4.09 -17.81
N CYS A 107 -22.42 4.18 -16.92
CA CYS A 107 -22.32 3.59 -15.60
C CYS A 107 -21.89 2.12 -15.57
N THR A 108 -22.60 1.29 -16.32
CA THR A 108 -22.29 -0.15 -16.35
C THR A 108 -21.00 -0.43 -17.13
N SER A 109 -20.75 0.34 -18.18
CA SER A 109 -19.55 0.14 -18.99
C SER A 109 -18.26 0.49 -18.25
N ALA A 110 -18.28 1.56 -17.48
CA ALA A 110 -17.11 1.96 -16.71
C ALA A 110 -16.84 0.99 -15.56
N LEU A 111 -17.91 0.49 -14.94
CA LEU A 111 -17.76 -0.45 -13.84
C LEU A 111 -17.21 -1.78 -14.36
N GLN A 112 -17.73 -2.22 -15.51
CA GLN A 112 -17.28 -3.46 -16.12
C GLN A 112 -15.79 -3.30 -16.49
N PHE A 113 -15.45 -2.15 -17.05
CA PHE A 113 -14.05 -1.90 -17.41
C PHE A 113 -13.15 -1.96 -16.18
N ARG A 114 -13.53 -1.25 -15.11
CA ARG A 114 -12.71 -1.24 -13.91
C ARG A 114 -12.55 -2.57 -13.20
N LEU A 115 -13.66 -3.26 -12.97
CA LEU A 115 -13.59 -4.54 -12.28
C LEU A 115 -12.76 -5.52 -13.09
N LEU A 116 -12.96 -5.56 -14.40
CA LEU A 116 -12.20 -6.48 -15.25
C LEU A 116 -10.70 -6.16 -15.22
N ARG A 117 -10.35 -4.91 -15.45
CA ARG A 117 -8.94 -4.53 -15.43
C ARG A 117 -8.29 -4.75 -14.06
N GLN A 118 -8.99 -4.45 -12.98
CA GLN A 118 -8.41 -4.65 -11.65
C GLN A 118 -8.17 -6.12 -11.36
N HIS A 119 -8.86 -6.97 -12.11
CA HIS A 119 -8.69 -8.41 -11.94
C HIS A 119 -7.78 -9.03 -13.00
N GLY A 120 -7.13 -8.19 -13.79
CA GLY A 120 -6.22 -8.69 -14.80
C GLY A 120 -6.76 -8.99 -16.18
N PHE A 121 -8.07 -8.79 -16.37
CA PHE A 121 -8.69 -9.03 -17.67
C PHE A 121 -8.53 -7.81 -18.54
N ASN A 122 -7.77 -7.95 -19.62
CA ASN A 122 -7.47 -6.85 -20.51
C ASN A 122 -8.62 -6.44 -21.44
N ILE A 123 -9.75 -6.06 -20.85
CA ILE A 123 -10.87 -5.62 -21.64
C ILE A 123 -10.42 -4.38 -22.41
N SER A 124 -10.90 -4.25 -23.64
CA SER A 124 -10.54 -3.13 -24.50
C SER A 124 -11.21 -1.84 -24.08
N PRO A 125 -10.46 -0.73 -24.11
CA PRO A 125 -10.98 0.58 -23.74
C PRO A 125 -11.92 1.12 -24.81
N GLU A 126 -12.08 0.36 -25.90
CA GLU A 126 -12.95 0.76 -27.00
C GLU A 126 -14.41 0.79 -26.55
N ILE A 127 -14.69 0.22 -25.39
CA ILE A 127 -16.04 0.19 -24.87
C ILE A 127 -16.51 1.61 -24.53
N PHE A 128 -15.58 2.56 -24.47
CA PHE A 128 -15.90 3.95 -24.16
C PHE A 128 -16.13 4.83 -25.40
N SER A 129 -15.84 4.29 -26.58
CA SER A 129 -16.00 5.05 -27.82
C SER A 129 -17.40 5.63 -28.03
N LYS A 130 -18.42 4.80 -27.85
CA LYS A 130 -19.80 5.23 -28.02
C LYS A 130 -20.17 6.42 -27.12
N PHE A 131 -19.35 6.66 -26.09
CA PHE A 131 -19.61 7.76 -25.16
C PHE A 131 -18.84 9.02 -25.51
N GLN A 132 -18.12 8.97 -26.62
CA GLN A 132 -17.33 10.13 -27.04
C GLN A 132 -17.79 10.63 -28.40
N ASP A 133 -17.49 11.89 -28.68
CA ASP A 133 -17.87 12.48 -29.97
C ASP A 133 -17.00 11.85 -31.06
N GLU A 134 -17.08 12.42 -32.26
CA GLU A 134 -16.32 11.90 -33.39
C GLU A 134 -14.81 12.17 -33.30
N ASN A 135 -14.41 13.08 -32.41
CA ASN A 135 -12.99 13.39 -32.26
C ASN A 135 -12.41 12.94 -30.93
N GLY A 136 -12.90 11.80 -30.42
CA GLY A 136 -12.39 11.23 -29.18
C GLY A 136 -12.56 11.96 -27.86
N LYS A 137 -13.61 12.75 -27.70
CA LYS A 137 -13.84 13.44 -26.44
C LYS A 137 -15.20 13.10 -25.87
N PHE A 138 -15.25 12.85 -24.56
CA PHE A 138 -16.50 12.50 -23.90
C PHE A 138 -17.60 13.53 -24.13
N LYS A 139 -18.76 13.04 -24.56
CA LYS A 139 -19.92 13.88 -24.82
C LYS A 139 -20.32 14.61 -23.56
N GLU A 140 -20.34 15.94 -23.61
CA GLU A 140 -20.72 16.75 -22.46
C GLU A 140 -22.15 16.49 -22.00
N SER A 141 -22.96 15.87 -22.87
CA SER A 141 -24.34 15.58 -22.53
C SER A 141 -24.45 14.52 -21.43
N LEU A 142 -23.32 13.89 -21.11
CA LEU A 142 -23.26 12.87 -20.07
C LEU A 142 -23.08 13.51 -18.69
N ALA A 143 -22.83 14.81 -18.68
CA ALA A 143 -22.60 15.55 -17.45
C ALA A 143 -23.71 15.47 -16.41
N SER A 144 -24.91 15.05 -16.81
CA SER A 144 -26.02 14.97 -15.87
C SER A 144 -26.33 13.53 -15.45
N ASP A 145 -25.33 12.66 -15.60
CA ASP A 145 -25.47 11.25 -15.23
C ASP A 145 -24.40 11.00 -14.16
N VAL A 146 -24.72 11.37 -12.93
CA VAL A 146 -23.80 11.24 -11.80
C VAL A 146 -23.23 9.84 -11.55
N LEU A 147 -24.05 8.81 -11.63
CA LEU A 147 -23.54 7.46 -11.38
C LEU A 147 -22.58 7.02 -12.47
N GLY A 148 -22.84 7.47 -13.69
CA GLY A 148 -21.97 7.12 -14.80
C GLY A 148 -20.65 7.86 -14.63
N LEU A 149 -20.74 9.13 -14.23
CA LEU A 149 -19.55 9.94 -14.01
C LEU A 149 -18.69 9.40 -12.86
N LEU A 150 -19.34 8.89 -11.83
CA LEU A 150 -18.62 8.37 -10.68
C LEU A 150 -17.86 7.10 -11.05
N ASN A 151 -18.48 6.23 -11.83
CA ASN A 151 -17.83 4.99 -12.25
C ASN A 151 -16.75 5.26 -13.30
N LEU A 152 -16.95 6.30 -14.11
CA LEU A 152 -15.97 6.67 -15.11
C LEU A 152 -14.75 7.20 -14.38
N TYR A 153 -15.02 8.01 -13.35
CA TYR A 153 -13.98 8.59 -12.53
C TYR A 153 -13.14 7.48 -11.90
N GLU A 154 -13.78 6.51 -11.26
CA GLU A 154 -13.04 5.43 -10.64
C GLU A 154 -12.26 4.62 -11.69
N ALA A 155 -12.86 4.43 -12.86
CA ALA A 155 -12.24 3.66 -13.93
C ALA A 155 -11.01 4.34 -14.53
N SER A 156 -11.04 5.67 -14.62
CA SER A 156 -9.93 6.41 -15.19
C SER A 156 -8.61 6.20 -14.44
N HIS A 157 -8.70 5.71 -13.21
CA HIS A 157 -7.49 5.49 -12.43
C HIS A 157 -6.82 4.12 -12.68
N VAL A 158 -7.48 3.24 -13.42
CA VAL A 158 -6.90 1.92 -13.69
C VAL A 158 -6.36 1.79 -15.12
N ARG A 159 -6.11 2.92 -15.78
CA ARG A 159 -5.64 2.82 -17.14
C ARG A 159 -4.15 2.56 -17.30
N THR A 160 -3.79 2.06 -18.47
CA THR A 160 -2.42 1.72 -18.87
C THR A 160 -2.02 2.68 -19.99
N HIS A 161 -0.81 2.49 -20.51
CA HIS A 161 -0.30 3.33 -21.59
C HIS A 161 -1.06 3.12 -22.90
N ALA A 162 -1.80 2.03 -22.98
CA ALA A 162 -2.57 1.72 -24.18
C ALA A 162 -3.99 2.24 -24.10
N ASP A 163 -4.29 3.04 -23.06
CA ASP A 163 -5.65 3.55 -22.90
C ASP A 163 -5.79 5.05 -23.10
N ASP A 164 -5.20 5.58 -24.16
CA ASP A 164 -5.29 7.02 -24.39
C ASP A 164 -6.70 7.48 -24.74
N ILE A 165 -7.62 6.57 -24.99
CA ILE A 165 -8.99 6.99 -25.29
C ILE A 165 -9.61 7.48 -23.97
N LEU A 166 -8.93 7.18 -22.86
CA LEU A 166 -9.36 7.58 -21.53
C LEU A 166 -8.50 8.70 -20.98
N GLU A 167 -7.72 9.33 -21.84
CA GLU A 167 -6.82 10.40 -21.43
C GLU A 167 -7.51 11.60 -20.79
N ASP A 168 -8.76 11.85 -21.18
CA ASP A 168 -9.49 12.98 -20.62
C ASP A 168 -10.60 12.58 -19.65
N ALA A 169 -10.76 11.28 -19.41
CA ALA A 169 -11.79 10.80 -18.51
C ALA A 169 -11.70 11.40 -17.10
N LEU A 170 -10.50 11.43 -16.53
CA LEU A 170 -10.33 11.98 -15.19
C LEU A 170 -10.77 13.43 -15.06
N ALA A 171 -10.26 14.30 -15.93
CA ALA A 171 -10.62 15.72 -15.89
C ALA A 171 -12.13 15.90 -16.11
N PHE A 172 -12.66 15.20 -17.11
CA PHE A 172 -14.08 15.28 -17.45
C PHE A 172 -14.99 14.94 -16.27
N SER A 173 -14.82 13.74 -15.72
CA SER A 173 -15.65 13.28 -14.61
C SER A 173 -15.44 14.13 -13.35
N THR A 174 -14.21 14.54 -13.10
CA THR A 174 -13.90 15.35 -11.94
C THR A 174 -14.66 16.68 -11.95
N ILE A 175 -14.56 17.43 -13.05
CA ILE A 175 -15.22 18.74 -13.15
C ILE A 175 -16.72 18.69 -12.92
N HIS A 176 -17.38 17.71 -13.51
CA HIS A 176 -18.82 17.58 -13.37
C HIS A 176 -19.27 17.00 -12.03
N LEU A 177 -18.46 16.11 -11.46
CA LEU A 177 -18.81 15.54 -10.17
C LEU A 177 -18.69 16.63 -9.11
N GLU A 178 -17.69 17.49 -9.23
CA GLU A 178 -17.50 18.57 -8.26
C GLU A 178 -18.70 19.51 -8.33
N SER A 179 -19.20 19.70 -9.55
CA SER A 179 -20.32 20.58 -9.78
C SER A 179 -21.63 19.99 -9.26
N ALA A 180 -21.79 18.68 -9.42
CA ALA A 180 -23.00 18.01 -8.98
C ALA A 180 -23.06 17.75 -7.47
N ALA A 181 -21.93 17.33 -6.90
CA ALA A 181 -21.84 16.97 -5.48
C ALA A 181 -22.73 17.67 -4.45
N PRO A 182 -22.64 19.00 -4.32
CA PRO A 182 -23.43 19.75 -3.34
C PRO A 182 -24.93 19.45 -3.26
N HIS A 183 -25.54 19.11 -4.38
CA HIS A 183 -26.99 18.86 -4.42
C HIS A 183 -27.42 17.40 -4.40
N LEU A 184 -26.47 16.50 -4.30
CA LEU A 184 -26.80 15.07 -4.30
C LEU A 184 -27.38 14.62 -2.96
N LYS A 185 -28.19 13.57 -3.00
CA LYS A 185 -28.77 13.04 -1.77
C LYS A 185 -27.67 12.27 -1.05
N SER A 186 -27.91 11.93 0.21
CA SER A 186 -26.95 11.18 1.02
C SER A 186 -27.37 9.71 1.01
N PRO A 187 -26.41 8.79 1.10
CA PRO A 187 -24.96 9.03 1.19
C PRO A 187 -24.20 9.18 -0.13
N LEU A 188 -24.90 9.22 -1.26
CA LEU A 188 -24.22 9.37 -2.54
C LEU A 188 -23.29 10.58 -2.50
N ARG A 189 -23.79 11.70 -1.99
CA ARG A 189 -22.96 12.90 -1.91
C ARG A 189 -21.65 12.62 -1.19
N GLU A 190 -21.73 11.94 -0.05
CA GLU A 190 -20.53 11.63 0.73
C GLU A 190 -19.59 10.72 -0.06
N GLN A 191 -20.17 9.79 -0.82
CA GLN A 191 -19.38 8.88 -1.61
C GLN A 191 -18.65 9.63 -2.75
N VAL A 192 -19.35 10.56 -3.39
CA VAL A 192 -18.76 11.34 -4.46
C VAL A 192 -17.63 12.22 -3.92
N THR A 193 -17.92 12.94 -2.84
CA THR A 193 -16.94 13.81 -2.21
C THR A 193 -15.72 13.00 -1.77
N HIS A 194 -15.95 11.82 -1.20
CA HIS A 194 -14.84 10.99 -0.76
C HIS A 194 -14.00 10.55 -1.96
N ALA A 195 -14.67 10.12 -3.02
CA ALA A 195 -13.99 9.67 -4.23
C ALA A 195 -13.08 10.74 -4.81
N LEU A 196 -13.57 11.99 -4.84
CA LEU A 196 -12.78 13.09 -5.39
C LEU A 196 -11.52 13.32 -4.56
N GLU A 197 -11.58 12.99 -3.27
CA GLU A 197 -10.41 13.15 -2.41
C GLU A 197 -9.56 11.89 -2.45
N GLN A 198 -10.19 10.73 -2.59
CA GLN A 198 -9.48 9.46 -2.61
C GLN A 198 -10.14 8.45 -3.54
N CYS A 199 -9.52 8.16 -4.69
CA CYS A 199 -10.12 7.19 -5.59
C CYS A 199 -10.01 5.81 -4.95
N LEU A 200 -10.86 4.90 -5.39
CA LEU A 200 -10.84 3.54 -4.84
C LEU A 200 -9.60 2.73 -5.22
N HIS A 201 -9.22 2.76 -6.49
CA HIS A 201 -8.06 1.98 -6.96
C HIS A 201 -6.75 2.26 -6.23
N LYS A 202 -6.52 3.52 -5.84
CA LYS A 202 -5.27 3.89 -5.18
C LYS A 202 -5.31 4.02 -3.66
N GLY A 203 -6.42 3.63 -3.03
CA GLY A 203 -6.51 3.74 -1.60
C GLY A 203 -6.16 2.44 -0.89
N VAL A 204 -5.87 2.54 0.41
CA VAL A 204 -5.56 1.35 1.19
C VAL A 204 -6.87 0.56 1.38
N PRO A 205 -6.90 -0.73 1.02
CA PRO A 205 -8.09 -1.59 1.14
C PRO A 205 -8.90 -1.53 2.45
N ARG A 206 -8.27 -1.77 3.59
CA ARG A 206 -9.00 -1.71 4.86
C ARG A 206 -9.55 -0.30 5.15
N VAL A 207 -8.81 0.73 4.75
CA VAL A 207 -9.24 2.10 4.98
C VAL A 207 -10.48 2.43 4.15
N GLU A 208 -10.45 2.06 2.88
CA GLU A 208 -11.60 2.30 2.03
C GLU A 208 -12.79 1.44 2.47
N THR A 209 -12.52 0.24 2.98
CA THR A 209 -13.57 -0.65 3.43
C THR A 209 -14.27 -0.08 4.67
N ARG A 210 -13.48 0.43 5.61
CA ARG A 210 -14.05 1.01 6.83
C ARG A 210 -14.97 2.19 6.47
N PHE A 211 -14.52 3.06 5.57
CA PHE A 211 -15.33 4.20 5.16
C PHE A 211 -16.61 3.77 4.47
N PHE A 212 -16.49 2.84 3.52
CA PHE A 212 -17.67 2.38 2.79
C PHE A 212 -18.69 1.72 3.70
N ILE A 213 -18.26 0.82 4.57
CA ILE A 213 -19.20 0.14 5.45
C ILE A 213 -19.99 1.10 6.34
N SER A 214 -19.29 1.87 7.16
CA SER A 214 -19.98 2.76 8.08
C SER A 214 -20.47 4.13 7.59
N SER A 215 -19.83 4.71 6.58
CA SER A 215 -20.28 6.02 6.09
C SER A 215 -21.20 5.96 4.89
N ILE A 216 -21.12 4.87 4.13
CA ILE A 216 -21.95 4.75 2.93
C ILE A 216 -23.01 3.65 2.97
N TYR A 217 -22.57 2.39 2.88
CA TYR A 217 -23.51 1.29 2.84
C TYR A 217 -24.46 1.22 4.02
N ASP A 218 -23.95 1.49 5.22
CA ASP A 218 -24.79 1.46 6.40
C ASP A 218 -25.91 2.49 6.34
N LYS A 219 -25.72 3.53 5.52
CA LYS A 219 -26.70 4.60 5.39
C LYS A 219 -27.42 4.57 4.05
N GLU A 220 -27.29 3.45 3.35
CA GLU A 220 -27.92 3.28 2.04
C GLU A 220 -29.34 2.71 2.22
N GLN A 221 -30.32 3.39 1.66
CA GLN A 221 -31.71 2.96 1.74
C GLN A 221 -31.90 1.56 1.15
N SER A 222 -31.33 1.34 -0.03
CA SER A 222 -31.45 0.07 -0.72
C SER A 222 -30.44 -0.99 -0.28
N LYS A 223 -29.69 -0.72 0.78
CA LYS A 223 -28.68 -1.65 1.26
C LYS A 223 -29.21 -3.06 1.49
N ASN A 224 -28.35 -4.06 1.27
CA ASN A 224 -28.74 -5.43 1.51
C ASN A 224 -28.29 -5.73 2.94
N ASN A 225 -29.25 -6.04 3.79
CA ASN A 225 -28.99 -6.29 5.21
C ASN A 225 -28.10 -7.48 5.49
N VAL A 226 -28.14 -8.46 4.60
CA VAL A 226 -27.30 -9.64 4.77
C VAL A 226 -25.83 -9.26 4.57
N LEU A 227 -25.55 -8.55 3.48
CA LEU A 227 -24.18 -8.14 3.17
C LEU A 227 -23.63 -7.17 4.21
N LEU A 228 -24.46 -6.23 4.65
CA LEU A 228 -24.03 -5.25 5.63
C LEU A 228 -23.62 -5.94 6.93
N ARG A 229 -24.48 -6.84 7.43
CA ARG A 229 -24.17 -7.53 8.68
C ARG A 229 -22.90 -8.34 8.51
N PHE A 230 -22.80 -9.04 7.38
CA PHE A 230 -21.64 -9.86 7.05
C PHE A 230 -20.39 -8.97 7.09
N ALA A 231 -20.47 -7.84 6.40
CA ALA A 231 -19.34 -6.92 6.34
C ALA A 231 -18.89 -6.41 7.71
N LYS A 232 -19.83 -6.06 8.57
CA LYS A 232 -19.50 -5.55 9.91
C LYS A 232 -18.87 -6.59 10.84
N LEU A 233 -19.48 -7.77 10.91
CA LEU A 233 -18.96 -8.85 11.74
C LEU A 233 -17.58 -9.28 11.27
N ASP A 234 -17.40 -9.35 9.96
CA ASP A 234 -16.11 -9.76 9.41
C ASP A 234 -15.05 -8.72 9.74
N PHE A 235 -15.35 -7.46 9.46
CA PHE A 235 -14.38 -6.41 9.75
C PHE A 235 -13.99 -6.43 11.23
N ASN A 236 -14.96 -6.56 12.12
CA ASN A 236 -14.67 -6.57 13.55
C ASN A 236 -13.97 -7.85 14.01
N LEU A 237 -14.25 -8.98 13.38
CA LEU A 237 -13.59 -10.22 13.76
C LEU A 237 -12.12 -10.12 13.36
N LEU A 238 -11.85 -9.68 12.13
CA LEU A 238 -10.46 -9.54 11.70
C LEU A 238 -9.73 -8.53 12.55
N GLN A 239 -10.43 -7.45 12.93
CA GLN A 239 -9.84 -6.41 13.77
C GLN A 239 -9.31 -7.03 15.06
N MET A 240 -10.02 -8.04 15.57
CA MET A 240 -9.59 -8.73 16.79
C MET A 240 -8.23 -9.38 16.53
N LEU A 241 -8.11 -10.04 15.39
CA LEU A 241 -6.86 -10.70 15.03
C LEU A 241 -5.74 -9.66 14.92
N HIS A 242 -6.03 -8.55 14.26
CA HIS A 242 -5.04 -7.48 14.08
C HIS A 242 -4.58 -6.92 15.41
N LYS A 243 -5.51 -6.72 16.34
CA LYS A 243 -5.16 -6.19 17.65
C LYS A 243 -4.28 -7.20 18.40
N GLN A 244 -4.53 -8.50 18.20
CA GLN A 244 -3.73 -9.52 18.84
C GLN A 244 -2.31 -9.49 18.26
N GLU A 245 -2.22 -9.28 16.95
CA GLU A 245 -0.93 -9.21 16.27
C GLU A 245 -0.15 -8.01 16.78
N LEU A 246 -0.81 -6.86 16.82
CA LEU A 246 -0.16 -5.63 17.27
C LEU A 246 0.30 -5.69 18.73
N ALA A 247 -0.42 -6.42 19.57
CA ALA A 247 -0.05 -6.53 20.98
C ALA A 247 1.23 -7.35 21.06
N GLN A 248 1.23 -8.47 20.35
CA GLN A 248 2.35 -9.37 20.31
C GLN A 248 3.58 -8.61 19.79
N VAL A 249 3.36 -7.75 18.79
CA VAL A 249 4.44 -6.96 18.22
C VAL A 249 4.92 -5.85 19.15
N SER A 250 3.98 -5.24 19.87
CA SER A 250 4.35 -4.16 20.80
C SER A 250 5.18 -4.72 21.94
N ARG A 251 4.89 -5.96 22.33
CA ARG A 251 5.60 -6.65 23.40
C ARG A 251 7.04 -6.93 22.94
N TRP A 252 7.16 -7.46 21.72
CA TRP A 252 8.45 -7.76 21.13
C TRP A 252 9.28 -6.47 21.06
N TRP A 253 8.64 -5.39 20.61
CA TRP A 253 9.30 -4.10 20.50
C TRP A 253 9.71 -3.56 21.86
N LYS A 254 8.84 -3.77 22.84
CA LYS A 254 9.09 -3.32 24.21
C LYS A 254 10.28 -4.07 24.82
N ASP A 255 10.38 -5.36 24.53
CA ASP A 255 11.46 -6.19 25.04
C ASP A 255 12.82 -5.88 24.40
N LEU A 256 12.83 -5.09 23.33
CA LEU A 256 14.08 -4.72 22.68
C LEU A 256 14.56 -3.45 23.37
N ASP A 257 13.60 -2.77 23.97
CA ASP A 257 13.85 -1.53 24.71
C ASP A 257 14.80 -0.53 24.04
N PHE A 258 14.67 -0.37 22.72
CA PHE A 258 15.52 0.59 22.01
C PHE A 258 15.12 1.99 22.45
N VAL A 259 13.93 2.11 23.02
CA VAL A 259 13.41 3.38 23.50
C VAL A 259 14.38 4.03 24.48
N THR A 260 15.10 3.21 25.23
CA THR A 260 16.06 3.72 26.20
C THR A 260 17.51 3.60 25.72
N THR A 261 17.87 2.46 25.16
CA THR A 261 19.24 2.25 24.67
C THR A 261 19.58 3.09 23.44
N LEU A 262 18.65 3.23 22.51
CA LEU A 262 18.88 4.03 21.31
C LEU A 262 17.91 5.21 21.26
N PRO A 263 18.03 6.13 22.24
CA PRO A 263 17.17 7.31 22.35
C PRO A 263 17.08 8.22 21.12
N TYR A 264 17.93 7.99 20.12
CA TYR A 264 17.88 8.83 18.92
C TYR A 264 16.85 8.30 17.93
N ALA A 265 16.53 7.02 18.06
CA ALA A 265 15.58 6.37 17.16
C ALA A 265 14.12 6.65 17.47
N ARG A 266 13.30 6.63 16.42
CA ARG A 266 11.86 6.87 16.53
C ARG A 266 11.18 5.65 17.13
N ASP A 267 10.06 5.88 17.81
CA ASP A 267 9.29 4.80 18.39
C ASP A 267 7.95 4.85 17.65
N ARG A 268 7.86 4.07 16.58
CA ARG A 268 6.66 4.06 15.75
C ARG A 268 6.19 2.66 15.37
N VAL A 269 6.32 1.70 16.28
CA VAL A 269 5.91 0.34 15.96
C VAL A 269 4.44 0.29 15.56
N VAL A 270 3.62 1.18 16.10
CA VAL A 270 2.20 1.20 15.75
C VAL A 270 2.02 1.65 14.30
N GLU A 271 2.69 2.72 13.90
CA GLU A 271 2.60 3.21 12.53
C GLU A 271 3.19 2.20 11.55
N CYS A 272 4.19 1.45 12.01
CA CYS A 272 4.83 0.43 11.17
C CYS A 272 3.88 -0.74 10.96
N TYR A 273 3.14 -1.08 12.01
CA TYR A 273 2.18 -2.18 11.92
C TYR A 273 1.06 -1.80 10.96
N PHE A 274 0.64 -0.54 11.02
CA PHE A 274 -0.43 -0.07 10.15
C PHE A 274 -0.02 -0.29 8.70
N TRP A 275 1.25 0.02 8.41
CA TRP A 275 1.80 -0.14 7.07
C TRP A 275 1.60 -1.56 6.59
N THR A 276 1.92 -2.50 7.48
CA THR A 276 1.80 -3.91 7.23
C THR A 276 0.34 -4.30 6.94
N LEU A 277 -0.56 -3.66 7.66
CA LEU A 277 -2.00 -3.90 7.51
C LEU A 277 -2.46 -3.45 6.14
N GLY A 278 -1.72 -2.51 5.54
CA GLY A 278 -2.04 -2.04 4.22
C GLY A 278 -1.56 -3.01 3.15
N VAL A 279 -0.46 -3.72 3.42
CA VAL A 279 0.11 -4.69 2.48
C VAL A 279 -0.86 -5.86 2.33
N TYR A 280 -1.29 -6.41 3.45
CA TYR A 280 -2.31 -7.47 3.43
C TYR A 280 -3.02 -7.49 4.78
N PHE A 281 -4.34 -7.63 4.75
CA PHE A 281 -5.14 -7.64 5.97
C PHE A 281 -5.76 -9.01 6.27
N GLU A 282 -5.84 -9.85 5.24
CA GLU A 282 -6.45 -11.17 5.40
C GLU A 282 -5.83 -12.01 6.51
N PRO A 283 -6.64 -12.85 7.17
CA PRO A 283 -6.18 -13.71 8.26
C PRO A 283 -5.05 -14.67 7.90
N GLN A 284 -5.00 -15.13 6.66
CA GLN A 284 -3.95 -16.05 6.23
C GLN A 284 -2.58 -15.39 6.20
N TYR A 285 -2.55 -14.06 6.18
CA TYR A 285 -1.26 -13.36 6.14
C TYR A 285 -0.84 -12.87 7.51
N SER A 286 -1.34 -13.53 8.54
CA SER A 286 -1.01 -13.15 9.90
C SER A 286 0.49 -13.28 10.17
N GLN A 287 1.05 -14.45 9.87
CA GLN A 287 2.48 -14.66 10.10
C GLN A 287 3.30 -13.68 9.27
N ALA A 288 2.89 -13.47 8.02
CA ALA A 288 3.58 -12.56 7.14
C ALA A 288 3.60 -11.15 7.72
N ARG A 289 2.46 -10.68 8.25
CA ARG A 289 2.42 -9.34 8.83
C ARG A 289 3.36 -9.19 10.01
N VAL A 290 3.37 -10.17 10.91
CA VAL A 290 4.24 -10.10 12.08
C VAL A 290 5.71 -10.06 11.67
N MET A 291 6.06 -10.84 10.65
CA MET A 291 7.43 -10.86 10.17
C MET A 291 7.78 -9.53 9.50
N LEU A 292 6.86 -9.02 8.69
CA LEU A 292 7.07 -7.77 7.96
C LEU A 292 7.22 -6.54 8.85
N VAL A 293 6.37 -6.41 9.87
CA VAL A 293 6.45 -5.24 10.75
C VAL A 293 7.80 -5.17 11.47
N LYS A 294 8.36 -6.33 11.80
CA LYS A 294 9.64 -6.37 12.49
C LYS A 294 10.76 -5.78 11.63
N THR A 295 10.67 -5.99 10.32
CA THR A 295 11.67 -5.45 9.41
C THR A 295 11.45 -3.95 9.21
N ILE A 296 10.19 -3.51 9.10
CA ILE A 296 9.93 -2.08 8.92
C ILE A 296 10.45 -1.33 10.15
N SER A 297 10.14 -1.84 11.33
CA SER A 297 10.60 -1.21 12.57
C SER A 297 12.11 -1.21 12.65
N MET A 298 12.72 -2.34 12.32
CA MET A 298 14.17 -2.48 12.37
C MET A 298 14.87 -1.57 11.37
N ILE A 299 14.32 -1.41 10.17
CA ILE A 299 14.95 -0.55 9.18
C ILE A 299 14.80 0.93 9.53
N SER A 300 13.77 1.29 10.28
CA SER A 300 13.61 2.69 10.65
C SER A 300 14.76 3.05 11.60
N ILE A 301 15.19 2.07 12.39
CA ILE A 301 16.29 2.26 13.32
C ILE A 301 17.59 2.44 12.54
N VAL A 302 17.82 1.55 11.58
CA VAL A 302 19.03 1.63 10.75
C VAL A 302 19.05 2.98 10.05
N ASP A 303 17.89 3.38 9.55
CA ASP A 303 17.76 4.65 8.85
C ASP A 303 18.11 5.80 9.77
N ASP A 304 17.51 5.82 10.96
CA ASP A 304 17.76 6.89 11.92
C ASP A 304 19.25 6.96 12.25
N THR A 305 19.88 5.80 12.37
CA THR A 305 21.31 5.74 12.67
C THR A 305 22.13 6.51 11.62
N PHE A 306 21.75 6.37 10.35
CA PHE A 306 22.44 7.06 9.26
C PHE A 306 21.93 8.48 9.14
N ASP A 307 20.67 8.68 9.54
CA ASP A 307 19.99 9.97 9.47
C ASP A 307 20.37 11.02 10.49
N ALA A 308 20.35 10.66 11.77
CA ALA A 308 20.65 11.62 12.80
C ALA A 308 21.37 11.05 14.00
N TYR A 309 22.64 10.72 13.81
CA TYR A 309 23.45 10.20 14.90
C TYR A 309 24.84 9.78 14.44
N GLY A 310 24.94 8.57 13.90
CA GLY A 310 26.21 8.06 13.42
C GLY A 310 27.09 9.05 12.70
N THR A 311 28.40 8.86 12.84
CA THR A 311 29.39 9.72 12.19
C THR A 311 29.82 8.99 10.92
N VAL A 312 30.50 9.72 10.03
CA VAL A 312 30.96 9.12 8.79
C VAL A 312 31.73 7.85 9.08
N LYS A 313 32.68 7.94 10.00
CA LYS A 313 33.51 6.80 10.37
C LYS A 313 32.70 5.63 10.91
N GLU A 314 31.75 5.92 11.80
CA GLU A 314 30.91 4.87 12.38
C GLU A 314 30.05 4.23 11.30
N LEU A 315 29.43 5.05 10.48
CA LEU A 315 28.59 4.54 9.41
C LEU A 315 29.38 3.62 8.46
N GLU A 316 30.61 4.01 8.15
CA GLU A 316 31.44 3.20 7.26
C GLU A 316 31.64 1.81 7.83
N ALA A 317 31.97 1.75 9.12
CA ALA A 317 32.17 0.47 9.79
C ALA A 317 30.86 -0.29 9.89
N TYR A 318 29.78 0.46 10.09
CA TYR A 318 28.44 -0.12 10.20
C TYR A 318 28.10 -0.83 8.88
N THR A 319 28.37 -0.16 7.75
CA THR A 319 28.11 -0.73 6.42
C THR A 319 28.94 -1.98 6.16
N ASP A 320 30.22 -1.92 6.49
CA ASP A 320 31.12 -3.06 6.30
C ASP A 320 30.60 -4.27 7.05
N ALA A 321 30.30 -4.07 8.33
CA ALA A 321 29.80 -5.15 9.18
C ALA A 321 28.59 -5.81 8.56
N ILE A 322 27.68 -4.98 8.06
CA ILE A 322 26.46 -5.49 7.42
C ILE A 322 26.79 -6.35 6.20
N GLN A 323 27.71 -5.87 5.36
CA GLN A 323 28.08 -6.62 4.16
C GLN A 323 28.67 -7.97 4.52
N ARG A 324 29.43 -8.02 5.62
CA ARG A 324 30.04 -9.26 6.07
C ARG A 324 29.03 -10.15 6.77
N TRP A 325 28.11 -9.54 7.49
CA TRP A 325 27.04 -10.26 8.17
C TRP A 325 27.45 -11.43 9.06
N ASP A 326 28.21 -11.14 10.11
CA ASP A 326 28.64 -12.20 11.02
C ASP A 326 28.67 -11.61 12.42
N ILE A 327 28.09 -12.34 13.37
CA ILE A 327 28.05 -11.87 14.75
C ILE A 327 29.44 -11.65 15.32
N ASN A 328 30.45 -12.10 14.60
CA ASN A 328 31.84 -11.95 15.03
C ASN A 328 32.39 -10.58 14.63
N GLU A 329 31.61 -9.82 13.88
CA GLU A 329 32.01 -8.49 13.43
C GLU A 329 31.57 -7.40 14.40
N ILE A 330 30.69 -7.75 15.32
CA ILE A 330 30.15 -6.78 16.28
C ILE A 330 31.22 -6.02 17.09
N ASP A 331 32.38 -6.65 17.28
CA ASP A 331 33.47 -6.04 18.04
C ASP A 331 34.09 -4.82 17.34
N ARG A 332 33.89 -4.72 16.03
CA ARG A 332 34.46 -3.62 15.25
C ARG A 332 33.60 -2.36 15.33
N LEU A 333 32.40 -2.49 15.89
CA LEU A 333 31.47 -1.36 15.97
C LEU A 333 31.37 -0.74 17.36
N PRO A 334 31.04 0.56 17.43
CA PRO A 334 30.90 1.26 18.70
C PRO A 334 29.72 0.68 19.48
N ASP A 335 29.73 0.85 20.79
CA ASP A 335 28.69 0.33 21.67
C ASP A 335 27.26 0.30 21.15
N TYR A 336 26.71 1.47 20.83
CA TYR A 336 25.32 1.53 20.38
C TYR A 336 25.01 0.77 19.09
N MET A 337 25.95 0.74 18.15
CA MET A 337 25.72 0.03 16.91
C MET A 337 25.74 -1.47 17.14
N LYS A 338 26.37 -1.91 18.22
CA LYS A 338 26.40 -3.33 18.53
C LYS A 338 24.97 -3.77 18.83
N ILE A 339 24.20 -2.85 19.38
CA ILE A 339 22.80 -3.11 19.72
C ILE A 339 22.00 -3.36 18.44
N SER A 340 22.07 -2.41 17.50
CA SER A 340 21.36 -2.53 16.23
C SER A 340 21.78 -3.79 15.49
N TYR A 341 23.08 -3.87 15.21
CA TYR A 341 23.67 -4.99 14.48
C TYR A 341 23.24 -6.36 14.98
N LYS A 342 23.29 -6.59 16.28
CA LYS A 342 22.89 -7.89 16.81
C LYS A 342 21.40 -8.13 16.60
N ALA A 343 20.60 -7.10 16.87
CA ALA A 343 19.15 -7.22 16.69
C ALA A 343 18.84 -7.66 15.26
N ILE A 344 19.47 -7.00 14.29
CA ILE A 344 19.29 -7.33 12.88
C ILE A 344 19.63 -8.79 12.62
N LEU A 345 20.82 -9.22 13.04
CA LEU A 345 21.23 -10.60 12.83
C LEU A 345 20.24 -11.58 13.45
N ASP A 346 19.83 -11.29 14.69
CA ASP A 346 18.88 -12.15 15.40
C ASP A 346 17.55 -12.23 14.65
N LEU A 347 17.06 -11.07 14.22
CA LEU A 347 15.80 -11.01 13.50
C LEU A 347 15.78 -12.01 12.33
N TYR A 348 16.82 -11.97 11.49
CA TYR A 348 16.90 -12.87 10.35
C TYR A 348 17.10 -14.31 10.77
N LYS A 349 17.76 -14.51 11.91
CA LYS A 349 17.95 -15.85 12.44
C LYS A 349 16.57 -16.35 12.87
N ASP A 350 15.78 -15.46 13.47
CA ASP A 350 14.43 -15.83 13.90
C ASP A 350 13.56 -16.22 12.70
N TYR A 351 13.65 -15.45 11.62
CA TYR A 351 12.86 -15.76 10.43
C TYR A 351 13.19 -17.18 9.96
N GLU A 352 14.48 -17.46 9.82
CA GLU A 352 14.96 -18.76 9.40
C GLU A 352 14.36 -19.82 10.32
N LYS A 353 14.32 -19.52 11.61
CA LYS A 353 13.78 -20.45 12.59
C LYS A 353 12.28 -20.68 12.37
N GLU A 354 11.53 -19.59 12.19
CA GLU A 354 10.09 -19.64 11.96
C GLU A 354 9.72 -20.41 10.70
N LEU A 355 10.59 -20.35 9.71
CA LEU A 355 10.31 -21.02 8.44
C LEU A 355 10.81 -22.46 8.38
N SER A 356 11.54 -22.89 9.41
CA SER A 356 12.06 -24.26 9.47
C SER A 356 10.92 -25.26 9.37
N SER A 357 9.91 -25.06 10.22
CA SER A 357 8.73 -25.92 10.26
C SER A 357 8.20 -26.23 8.88
N ALA A 358 8.11 -25.21 8.04
CA ALA A 358 7.60 -25.37 6.68
C ALA A 358 8.70 -25.66 5.67
N GLY A 359 9.95 -25.54 6.09
CA GLY A 359 11.06 -25.79 5.19
C GLY A 359 11.24 -24.69 4.16
N ARG A 360 11.20 -23.45 4.62
CA ARG A 360 11.35 -22.30 3.74
C ARG A 360 12.38 -21.33 4.28
N SER A 361 13.32 -21.83 5.08
CA SER A 361 14.36 -20.99 5.68
C SER A 361 15.36 -20.49 4.66
N HIS A 362 15.44 -21.18 3.52
CA HIS A 362 16.38 -20.81 2.47
C HIS A 362 16.03 -19.54 1.71
N ILE A 363 14.78 -19.10 1.80
CA ILE A 363 14.36 -17.88 1.10
C ILE A 363 14.74 -16.63 1.88
N VAL A 364 15.09 -16.81 3.14
CA VAL A 364 15.44 -15.67 3.99
C VAL A 364 16.60 -14.83 3.47
N CYS A 365 17.56 -15.47 2.80
CA CYS A 365 18.72 -14.76 2.27
C CYS A 365 18.36 -13.65 1.28
N HIS A 366 17.26 -13.82 0.56
CA HIS A 366 16.82 -12.80 -0.40
C HIS A 366 16.54 -11.49 0.33
N ALA A 367 15.90 -11.59 1.49
CA ALA A 367 15.59 -10.41 2.28
C ALA A 367 16.89 -9.82 2.81
N ILE A 368 17.80 -10.69 3.23
CA ILE A 368 19.09 -10.24 3.76
C ILE A 368 19.86 -9.41 2.73
N GLU A 369 19.86 -9.87 1.48
CA GLU A 369 20.57 -9.15 0.42
C GLU A 369 20.01 -7.75 0.20
N ARG A 370 18.68 -7.61 0.32
CA ARG A 370 18.07 -6.30 0.13
C ARG A 370 18.47 -5.39 1.28
N MET A 371 18.66 -5.97 2.45
CA MET A 371 19.07 -5.21 3.63
C MET A 371 20.51 -4.69 3.42
N LYS A 372 21.39 -5.57 2.95
CA LYS A 372 22.78 -5.18 2.71
C LYS A 372 22.80 -4.07 1.66
N GLU A 373 21.96 -4.23 0.64
CA GLU A 373 21.86 -3.24 -0.44
C GLU A 373 21.42 -1.85 0.05
N ILE A 374 20.33 -1.78 0.82
CA ILE A 374 19.87 -0.48 1.29
C ILE A 374 20.91 0.17 2.22
N VAL A 375 21.59 -0.63 3.03
CA VAL A 375 22.62 -0.08 3.91
C VAL A 375 23.72 0.55 3.05
N ARG A 376 24.12 -0.15 1.98
CA ARG A 376 25.15 0.39 1.09
C ARG A 376 24.70 1.74 0.56
N ASN A 377 23.44 1.82 0.13
CA ASN A 377 22.89 3.06 -0.42
C ASN A 377 22.69 4.13 0.65
N TYR A 378 22.47 3.72 1.90
CA TYR A 378 22.32 4.71 2.96
C TYR A 378 23.68 5.38 3.10
N ASN A 379 24.73 4.55 3.09
CA ASN A 379 26.10 5.06 3.23
C ASN A 379 26.48 5.99 2.08
N VAL A 380 26.05 5.66 0.87
CA VAL A 380 26.33 6.52 -0.28
C VAL A 380 25.61 7.84 -0.06
N GLU A 381 24.37 7.74 0.43
CA GLU A 381 23.54 8.90 0.68
C GLU A 381 24.20 9.93 1.60
N SER A 382 24.77 9.46 2.71
CA SER A 382 25.43 10.38 3.63
C SER A 382 26.73 10.91 3.03
N THR A 383 27.44 10.07 2.27
CA THR A 383 28.68 10.50 1.62
C THR A 383 28.35 11.71 0.74
N TRP A 384 27.26 11.62 -0.01
CA TRP A 384 26.85 12.72 -0.88
C TRP A 384 26.48 13.94 -0.04
N PHE A 385 25.96 13.69 1.17
CA PHE A 385 25.57 14.79 2.04
C PHE A 385 26.82 15.50 2.55
N ILE A 386 27.78 14.72 3.06
CA ILE A 386 29.02 15.29 3.55
C ILE A 386 29.70 16.11 2.45
N GLU A 387 29.83 15.52 1.27
CA GLU A 387 30.48 16.18 0.12
C GLU A 387 29.73 17.38 -0.43
N GLY A 388 28.42 17.42 -0.23
CA GLY A 388 27.65 18.52 -0.76
C GLY A 388 27.42 18.25 -2.24
N TYR A 389 27.41 16.97 -2.60
CA TYR A 389 27.22 16.55 -3.99
C TYR A 389 25.76 16.56 -4.46
N THR A 390 25.53 17.10 -5.65
CA THR A 390 24.19 17.17 -6.25
C THR A 390 24.23 16.38 -7.57
N PRO A 391 23.98 15.07 -7.51
CA PRO A 391 23.99 14.21 -8.70
C PRO A 391 22.88 14.45 -9.71
N PRO A 392 23.13 14.08 -10.97
CA PRO A 392 22.10 14.25 -12.01
C PRO A 392 20.98 13.25 -11.67
N VAL A 393 19.76 13.54 -12.08
CA VAL A 393 18.62 12.66 -11.76
C VAL A 393 18.91 11.18 -11.95
N SER A 394 19.50 10.84 -13.08
CA SER A 394 19.82 9.47 -13.39
C SER A 394 20.62 8.80 -12.26
N GLU A 395 21.68 9.47 -11.82
CA GLU A 395 22.52 8.93 -10.75
C GLU A 395 21.79 8.94 -9.40
N TYR A 396 21.05 10.00 -9.13
CA TYR A 396 20.30 10.09 -7.88
C TYR A 396 19.39 8.86 -7.72
N LEU A 397 18.58 8.60 -8.74
CA LEU A 397 17.66 7.49 -8.71
C LEU A 397 18.36 6.15 -8.55
N SER A 398 19.53 6.00 -9.15
CA SER A 398 20.26 4.73 -9.07
C SER A 398 20.54 4.38 -7.61
N ASN A 399 20.67 5.39 -6.77
CA ASN A 399 20.93 5.17 -5.35
C ASN A 399 19.67 5.32 -4.47
N ALA A 400 18.92 6.40 -4.71
CA ALA A 400 17.73 6.71 -3.91
C ALA A 400 16.53 5.78 -4.00
N LEU A 401 16.40 5.02 -5.08
CA LEU A 401 15.25 4.14 -5.18
C LEU A 401 15.26 3.12 -4.05
N ALA A 402 16.42 2.53 -3.79
CA ALA A 402 16.54 1.55 -2.72
C ALA A 402 16.31 2.15 -1.33
N THR A 403 16.72 3.40 -1.14
CA THR A 403 16.55 4.02 0.17
C THR A 403 15.09 4.28 0.52
N THR A 404 14.18 3.93 -0.39
CA THR A 404 12.76 4.09 -0.10
C THR A 404 12.38 2.98 0.87
N THR A 405 13.19 1.93 0.85
CA THR A 405 13.03 0.71 1.67
C THR A 405 12.11 -0.28 0.95
N TYR A 406 11.48 0.17 -0.12
CA TYR A 406 10.53 -0.65 -0.87
C TYR A 406 10.99 -1.96 -1.50
N TYR A 407 12.26 -2.05 -1.91
CA TYR A 407 12.73 -3.32 -2.46
C TYR A 407 12.78 -4.29 -1.29
N LEU A 408 13.23 -3.77 -0.15
CA LEU A 408 13.32 -4.57 1.07
C LEU A 408 11.93 -4.99 1.58
N LEU A 409 11.00 -4.03 1.66
CA LEU A 409 9.66 -4.35 2.15
C LEU A 409 8.95 -5.35 1.25
N ALA A 410 9.03 -5.14 -0.07
CA ALA A 410 8.39 -6.07 -0.98
C ALA A 410 8.95 -7.49 -0.82
N THR A 411 10.28 -7.60 -0.76
CA THR A 411 10.91 -8.90 -0.60
C THR A 411 10.49 -9.51 0.74
N THR A 412 10.51 -8.70 1.78
CA THR A 412 10.13 -9.19 3.10
C THR A 412 8.68 -9.63 3.20
N SER A 413 7.79 -8.98 2.44
CA SER A 413 6.37 -9.34 2.48
C SER A 413 6.13 -10.78 2.03
N TYR A 414 7.06 -11.34 1.25
CA TYR A 414 6.91 -12.72 0.77
C TYR A 414 7.33 -13.78 1.79
N LEU A 415 8.17 -13.41 2.76
CA LEU A 415 8.64 -14.35 3.77
C LEU A 415 7.54 -15.15 4.44
N GLY A 416 6.51 -14.46 4.93
CA GLY A 416 5.42 -15.13 5.61
C GLY A 416 4.36 -15.74 4.71
N MET A 417 4.51 -15.58 3.40
CA MET A 417 3.53 -16.13 2.49
C MET A 417 3.87 -17.58 2.16
N LYS A 418 3.10 -18.50 2.73
CA LYS A 418 3.28 -19.94 2.53
C LYS A 418 3.48 -20.36 1.08
N SER A 419 2.80 -19.67 0.17
CA SER A 419 2.87 -20.01 -1.26
C SER A 419 4.07 -19.46 -2.01
N ALA A 420 4.83 -18.55 -1.40
CA ALA A 420 5.98 -17.97 -2.08
C ALA A 420 7.08 -18.99 -2.29
N THR A 421 7.55 -19.13 -3.54
CA THR A 421 8.61 -20.07 -3.88
C THR A 421 9.88 -19.35 -4.29
N GLU A 422 10.95 -20.12 -4.51
CA GLU A 422 12.24 -19.57 -4.93
C GLU A 422 12.08 -18.81 -6.24
N GLN A 423 11.29 -19.38 -7.15
CA GLN A 423 11.05 -18.78 -8.45
C GLN A 423 10.47 -17.37 -8.30
N ASP A 424 9.57 -17.19 -7.35
CA ASP A 424 8.96 -15.89 -7.10
C ASP A 424 10.01 -14.90 -6.62
N PHE A 425 10.88 -15.32 -5.71
CA PHE A 425 11.93 -14.46 -5.18
C PHE A 425 12.95 -14.11 -6.24
N GLU A 426 13.16 -15.02 -7.18
CA GLU A 426 14.12 -14.79 -8.26
C GLU A 426 13.55 -13.75 -9.21
N TRP A 427 12.25 -13.81 -9.43
CA TRP A 427 11.58 -12.85 -10.29
C TRP A 427 11.72 -11.46 -9.67
N LEU A 428 11.52 -11.40 -8.35
CA LEU A 428 11.59 -10.14 -7.61
C LEU A 428 13.01 -9.58 -7.53
N SER A 429 14.00 -10.48 -7.53
CA SER A 429 15.39 -10.04 -7.43
C SER A 429 15.87 -9.27 -8.66
N LYS A 430 15.23 -9.49 -9.80
CA LYS A 430 15.63 -8.82 -11.03
C LYS A 430 14.97 -7.44 -11.16
N ASN A 431 14.31 -6.99 -10.09
CA ASN A 431 13.62 -5.70 -10.09
C ASN A 431 12.65 -5.64 -11.26
N PRO A 432 11.58 -6.45 -11.23
CA PRO A 432 10.64 -6.39 -12.35
C PRO A 432 9.99 -5.01 -12.43
N LYS A 433 9.42 -4.71 -13.60
CA LYS A 433 8.81 -3.41 -13.86
C LYS A 433 7.76 -2.96 -12.84
N ILE A 434 6.90 -3.88 -12.40
CA ILE A 434 5.87 -3.52 -11.45
C ILE A 434 6.46 -3.08 -10.10
N LEU A 435 7.54 -3.73 -9.67
CA LEU A 435 8.18 -3.38 -8.41
C LEU A 435 8.86 -2.03 -8.54
N GLU A 436 9.55 -1.84 -9.66
CA GLU A 436 10.26 -0.60 -9.93
C GLU A 436 9.25 0.57 -9.98
N ALA A 437 8.08 0.31 -10.52
CA ALA A 437 7.05 1.36 -10.60
C ALA A 437 6.60 1.76 -9.19
N SER A 438 6.37 0.76 -8.34
CA SER A 438 5.95 1.02 -6.98
C SER A 438 7.02 1.79 -6.20
N VAL A 439 8.28 1.40 -6.42
CA VAL A 439 9.40 2.05 -5.79
C VAL A 439 9.53 3.52 -6.24
N ILE A 440 9.27 3.75 -7.53
CA ILE A 440 9.35 5.10 -8.11
C ILE A 440 8.26 6.01 -7.52
N ILE A 441 7.05 5.45 -7.38
CA ILE A 441 5.93 6.20 -6.82
C ILE A 441 6.31 6.67 -5.41
N CYS A 442 6.83 5.75 -4.60
CA CYS A 442 7.24 6.09 -3.25
C CYS A 442 8.32 7.17 -3.26
N ARG A 443 9.35 6.99 -4.08
CA ARG A 443 10.46 7.95 -4.19
C ARG A 443 9.97 9.35 -4.58
N VAL A 444 9.23 9.41 -5.69
CA VAL A 444 8.72 10.68 -6.19
C VAL A 444 7.76 11.42 -5.24
N ILE A 445 6.90 10.67 -4.57
CA ILE A 445 5.94 11.27 -3.64
C ILE A 445 6.67 11.82 -2.42
N ASP A 446 7.55 11.01 -1.84
CA ASP A 446 8.30 11.45 -0.68
C ASP A 446 9.18 12.66 -1.01
N ASP A 447 9.82 12.64 -2.17
CA ASP A 447 10.70 13.73 -2.58
C ASP A 447 9.95 15.04 -2.81
N THR A 448 8.71 14.95 -3.30
CA THR A 448 7.90 16.14 -3.54
C THR A 448 7.41 16.70 -2.21
N ALA A 449 7.14 15.82 -1.26
CA ALA A 449 6.63 16.20 0.04
C ALA A 449 7.70 16.62 1.05
N THR A 450 8.87 16.01 0.98
CA THR A 450 9.94 16.33 1.92
C THR A 450 11.03 17.23 1.35
N TYR A 451 10.77 17.83 0.19
CA TYR A 451 11.75 18.70 -0.42
C TYR A 451 12.20 19.85 0.49
N GLU A 452 11.27 20.70 0.90
CA GLU A 452 11.58 21.84 1.76
C GLU A 452 12.38 21.48 3.02
N VAL A 453 11.82 20.58 3.82
CA VAL A 453 12.48 20.17 5.05
C VAL A 453 13.94 19.77 4.82
N GLU A 454 14.15 18.76 3.98
CA GLU A 454 15.50 18.28 3.71
C GLU A 454 16.40 19.37 3.15
N LYS A 455 15.80 20.27 2.36
CA LYS A 455 16.52 21.38 1.76
C LYS A 455 17.04 22.34 2.84
N SER A 456 16.25 22.54 3.88
CA SER A 456 16.62 23.43 4.98
C SER A 456 17.75 22.83 5.80
N ARG A 457 17.99 21.54 5.60
CA ARG A 457 19.07 20.84 6.29
C ARG A 457 20.30 20.77 5.39
N GLY A 458 20.24 21.49 4.27
CA GLY A 458 21.36 21.51 3.34
C GLY A 458 21.56 20.21 2.58
N GLN A 459 20.54 19.35 2.58
CA GLN A 459 20.64 18.07 1.87
C GLN A 459 20.44 18.33 0.37
N ILE A 460 21.50 18.85 -0.24
CA ILE A 460 21.54 19.20 -1.65
C ILE A 460 21.36 18.03 -2.61
N ALA A 461 21.27 16.82 -2.08
CA ALA A 461 21.10 15.64 -2.92
C ALA A 461 19.67 15.09 -2.92
N THR A 462 18.70 15.97 -2.64
CA THR A 462 17.30 15.54 -2.65
C THR A 462 16.79 15.53 -4.08
N GLY A 463 15.92 14.59 -4.38
CA GLY A 463 15.38 14.44 -5.72
C GLY A 463 15.02 15.70 -6.48
N ILE A 464 14.17 16.55 -5.88
CA ILE A 464 13.74 17.77 -6.55
C ILE A 464 14.92 18.68 -6.87
N GLU A 465 15.91 18.73 -5.97
CA GLU A 465 17.09 19.56 -6.18
C GLU A 465 17.88 19.03 -7.39
N CYS A 466 18.20 17.75 -7.37
CA CYS A 466 18.92 17.13 -8.46
C CYS A 466 18.20 17.43 -9.78
N CYS A 467 16.89 17.24 -9.78
CA CYS A 467 16.07 17.47 -10.96
C CYS A 467 16.12 18.92 -11.43
N MET A 468 16.10 19.85 -10.49
CA MET A 468 16.16 21.27 -10.83
C MET A 468 17.48 21.65 -11.49
N ARG A 469 18.57 21.21 -10.86
CA ARG A 469 19.90 21.49 -11.37
C ARG A 469 20.14 20.77 -12.70
N ASP A 470 19.80 19.48 -12.73
CA ASP A 470 19.98 18.66 -13.92
C ASP A 470 19.32 19.28 -15.16
N TYR A 471 18.01 19.43 -15.14
CA TYR A 471 17.26 19.99 -16.27
C TYR A 471 17.25 21.52 -16.31
N GLY A 472 17.78 22.14 -15.25
CA GLY A 472 17.81 23.59 -15.20
C GLY A 472 16.43 24.19 -15.20
N ILE A 473 15.58 23.72 -14.29
CA ILE A 473 14.22 24.23 -14.20
C ILE A 473 13.83 24.62 -12.78
N SER A 474 12.68 25.28 -12.65
CA SER A 474 12.19 25.73 -11.35
C SER A 474 11.72 24.58 -10.46
N THR A 475 11.59 24.85 -9.17
CA THR A 475 11.14 23.84 -8.22
C THR A 475 9.77 23.31 -8.64
N LYS A 476 8.93 24.21 -9.15
CA LYS A 476 7.59 23.82 -9.59
C LYS A 476 7.67 22.87 -10.77
N GLU A 477 8.46 23.25 -11.77
CA GLU A 477 8.63 22.44 -12.98
C GLU A 477 9.25 21.08 -12.63
N ALA A 478 10.09 21.06 -11.60
CA ALA A 478 10.74 19.83 -11.16
C ALA A 478 9.72 18.89 -10.54
N MET A 479 8.84 19.44 -9.71
CA MET A 479 7.82 18.64 -9.05
C MET A 479 6.77 18.17 -10.05
N ALA A 480 6.55 18.96 -11.11
CA ALA A 480 5.59 18.59 -12.13
C ALA A 480 6.16 17.39 -12.91
N LYS A 481 7.47 17.40 -13.11
CA LYS A 481 8.12 16.31 -13.82
C LYS A 481 8.05 15.04 -12.98
N PHE A 482 8.19 15.19 -11.67
CA PHE A 482 8.13 14.05 -10.77
C PHE A 482 6.73 13.48 -10.68
N GLN A 483 5.72 14.33 -10.88
CA GLN A 483 4.33 13.88 -10.84
C GLN A 483 4.08 13.02 -12.07
N ASN A 484 4.66 13.43 -13.19
CA ASN A 484 4.49 12.68 -14.44
C ASN A 484 5.15 11.31 -14.32
N MET A 485 6.21 11.23 -13.52
CA MET A 485 6.90 9.97 -13.33
C MET A 485 6.01 9.01 -12.54
N ALA A 486 5.36 9.54 -11.50
CA ALA A 486 4.46 8.73 -10.68
C ALA A 486 3.28 8.27 -11.51
N GLU A 487 2.80 9.15 -12.40
CA GLU A 487 1.68 8.83 -13.27
C GLU A 487 2.08 7.69 -14.23
N THR A 488 3.28 7.80 -14.77
CA THR A 488 3.81 6.78 -15.67
C THR A 488 3.92 5.47 -14.91
N ALA A 489 4.38 5.57 -13.67
CA ALA A 489 4.54 4.42 -12.80
C ALA A 489 3.21 3.71 -12.48
N TRP A 490 2.13 4.47 -12.26
CA TRP A 490 0.83 3.85 -11.99
C TRP A 490 0.32 3.09 -13.21
N LYS A 491 0.49 3.66 -14.39
CA LYS A 491 0.09 2.99 -15.62
C LYS A 491 0.88 1.68 -15.75
N ASP A 492 2.15 1.71 -15.34
CA ASP A 492 3.00 0.50 -15.40
C ASP A 492 2.54 -0.54 -14.40
N ILE A 493 2.12 -0.11 -13.22
CA ILE A 493 1.61 -1.04 -12.24
C ILE A 493 0.31 -1.67 -12.77
N ASN A 494 -0.56 -0.83 -13.31
CA ASN A 494 -1.84 -1.32 -13.85
C ASN A 494 -1.58 -2.33 -14.98
N GLU A 495 -0.62 -2.03 -15.83
CA GLU A 495 -0.27 -2.92 -16.94
C GLU A 495 0.34 -4.20 -16.38
N GLY A 496 1.11 -4.07 -15.31
CA GLY A 496 1.75 -5.22 -14.70
C GLY A 496 0.80 -6.23 -14.07
N LEU A 497 -0.46 -5.84 -13.90
CA LEU A 497 -1.46 -6.73 -13.29
C LEU A 497 -2.25 -7.52 -14.35
N LEU A 498 -2.05 -7.18 -15.62
CA LEU A 498 -2.78 -7.85 -16.68
C LEU A 498 -2.30 -9.25 -16.99
N ARG A 499 -3.24 -10.18 -17.14
CA ARG A 499 -2.92 -11.57 -17.46
C ARG A 499 -2.30 -11.61 -18.86
N PRO A 500 -1.36 -12.52 -19.10
CA PRO A 500 -0.84 -13.49 -18.12
C PRO A 500 0.22 -12.81 -17.26
N THR A 501 0.17 -13.02 -15.96
CA THR A 501 1.14 -12.41 -15.06
C THR A 501 2.39 -13.27 -14.90
N PRO A 502 3.55 -12.64 -14.67
CA PRO A 502 4.83 -13.34 -14.50
C PRO A 502 4.87 -14.26 -13.28
N VAL A 503 4.07 -13.92 -12.27
CA VAL A 503 3.96 -14.70 -11.05
C VAL A 503 2.48 -14.62 -10.67
N SER A 504 2.07 -15.34 -9.63
CA SER A 504 0.66 -15.29 -9.21
C SER A 504 0.29 -13.89 -8.72
N THR A 505 -0.93 -13.47 -9.05
CA THR A 505 -1.43 -12.17 -8.64
C THR A 505 -1.23 -12.00 -7.14
N GLU A 506 -1.24 -13.10 -6.40
CA GLU A 506 -1.05 -13.05 -4.96
C GLU A 506 0.27 -12.37 -4.60
N PHE A 507 1.23 -12.38 -5.52
CA PHE A 507 2.52 -11.77 -5.24
C PHE A 507 2.67 -10.39 -5.83
N LEU A 508 1.66 -9.95 -6.59
CA LEU A 508 1.68 -8.62 -7.19
C LEU A 508 0.97 -7.64 -6.26
N THR A 509 -0.12 -8.09 -5.66
CA THR A 509 -0.93 -7.28 -4.76
C THR A 509 -0.13 -6.57 -3.66
N PRO A 510 0.87 -7.25 -3.05
CA PRO A 510 1.61 -6.55 -2.01
C PRO A 510 2.39 -5.35 -2.59
N ILE A 511 2.80 -5.48 -3.84
CA ILE A 511 3.56 -4.43 -4.51
C ILE A 511 2.63 -3.26 -4.85
N LEU A 512 1.41 -3.59 -5.27
CA LEU A 512 0.39 -2.61 -5.58
C LEU A 512 0.01 -1.89 -4.28
N ASN A 513 -0.17 -2.66 -3.21
CA ASN A 513 -0.56 -2.12 -1.91
C ASN A 513 0.48 -1.20 -1.31
N LEU A 514 1.76 -1.41 -1.63
CA LEU A 514 2.84 -0.56 -1.14
C LEU A 514 2.77 0.80 -1.81
N ALA A 515 2.34 0.82 -3.06
CA ALA A 515 2.21 2.09 -3.80
C ALA A 515 1.01 2.85 -3.24
N ARG A 516 -0.05 2.12 -2.91
CA ARG A 516 -1.26 2.70 -2.34
C ARG A 516 -0.97 3.33 -0.99
N ILE A 517 -0.28 2.60 -0.13
CA ILE A 517 0.05 3.08 1.21
C ILE A 517 0.79 4.42 1.19
N ILE A 518 1.81 4.54 0.36
CA ILE A 518 2.57 5.78 0.31
C ILE A 518 1.72 6.93 -0.24
N GLU A 519 0.86 6.63 -1.21
CA GLU A 519 -0.03 7.65 -1.78
C GLU A 519 -0.98 8.16 -0.70
N VAL A 520 -1.53 7.24 0.09
CA VAL A 520 -2.46 7.57 1.15
C VAL A 520 -1.80 8.30 2.32
N THR A 521 -0.56 7.95 2.61
CA THR A 521 0.18 8.57 3.71
C THR A 521 0.56 10.02 3.41
N TYR A 522 0.84 10.33 2.14
CA TYR A 522 1.20 11.69 1.75
C TYR A 522 0.09 12.28 0.88
N ILE A 523 -1.15 11.92 1.17
CA ILE A 523 -2.28 12.43 0.40
C ILE A 523 -2.18 13.95 0.27
N HIS A 524 -1.54 14.58 1.25
CA HIS A 524 -1.35 16.03 1.24
C HIS A 524 -0.11 16.45 2.02
N ASN A 525 0.73 17.27 1.39
CA ASN A 525 1.96 17.77 1.99
C ASN A 525 1.68 18.57 3.26
N HIS A 531 1.75 13.92 9.75
CA HIS A 531 2.69 14.34 8.72
C HIS A 531 3.99 13.56 8.82
N PRO A 532 3.94 12.24 8.59
CA PRO A 532 2.72 11.51 8.24
C PRO A 532 1.95 10.95 9.43
N GLU A 533 2.51 11.11 10.64
CA GLU A 533 1.88 10.59 11.84
C GLU A 533 0.44 11.03 12.08
N LYS A 534 0.13 12.30 11.83
CA LYS A 534 -1.24 12.75 12.05
C LYS A 534 -2.13 12.44 10.85
N VAL A 535 -1.52 11.91 9.79
CA VAL A 535 -2.28 11.51 8.61
C VAL A 535 -2.75 10.09 8.92
N LEU A 536 -1.86 9.30 9.51
CA LEU A 536 -2.15 7.92 9.86
C LEU A 536 -2.99 7.74 11.12
N LYS A 537 -2.85 8.68 12.05
CA LYS A 537 -3.59 8.61 13.32
C LYS A 537 -5.05 8.22 13.18
N PRO A 538 -5.82 9.00 12.40
CA PRO A 538 -7.24 8.65 12.24
C PRO A 538 -7.46 7.25 11.63
N HIS A 539 -6.61 6.84 10.70
CA HIS A 539 -6.76 5.52 10.08
C HIS A 539 -6.48 4.42 11.11
N ILE A 540 -5.45 4.62 11.93
CA ILE A 540 -5.10 3.64 12.95
C ILE A 540 -6.23 3.48 13.95
N ILE A 541 -6.83 4.61 14.35
CA ILE A 541 -7.95 4.56 15.29
C ILE A 541 -9.12 3.82 14.67
N ASN A 542 -9.40 4.09 13.41
CA ASN A 542 -10.51 3.45 12.71
C ASN A 542 -10.29 1.97 12.41
N LEU A 543 -9.04 1.57 12.19
CA LEU A 543 -8.76 0.17 11.90
C LEU A 543 -8.36 -0.67 13.11
N LEU A 544 -7.71 -0.05 14.09
CA LEU A 544 -7.20 -0.77 15.26
C LEU A 544 -7.73 -0.40 16.66
N VAL A 545 -8.51 0.67 16.77
CA VAL A 545 -9.04 1.06 18.07
C VAL A 545 -10.55 0.88 18.12
N ASP A 546 -11.28 1.62 17.29
CA ASP A 546 -12.74 1.54 17.25
C ASP A 546 -13.30 0.47 16.33
N SER A 547 -14.19 -0.35 16.88
CA SER A 547 -14.85 -1.38 16.10
C SER A 547 -16.03 -0.71 15.41
N ILE A 548 -16.59 -1.35 14.39
CA ILE A 548 -17.74 -0.79 13.69
C ILE A 548 -18.97 -1.21 14.51
N LYS A 549 -19.75 -0.24 14.98
CA LYS A 549 -20.93 -0.57 15.77
C LYS A 549 -22.00 -1.21 14.89
N ILE A 550 -22.53 -2.34 15.35
CA ILE A 550 -23.56 -3.05 14.60
C ILE A 550 -24.95 -2.52 14.96
F 2CF B . 12.42 4.66 7.78
C1 2CF B . 11.59 4.65 6.75
C2 2CF B . 10.76 3.57 6.52
C3 2CF B . 9.77 3.43 5.36
C4 2CF B . 10.75 2.38 7.46
C5 2CF B . 8.39 4.09 5.58
C6 2CF B . 8.24 5.26 4.66
C7 2CF B . 8.02 6.58 4.93
C8 2CF B . 7.90 7.66 3.85
C9 2CF B . 8.66 7.53 2.51
PA 2CF B . 12.25 8.38 6.78
PB 2CF B . 14.06 9.40 4.69
C10 2CF B . 10.17 7.36 2.62
C11 2CF B . 11.10 7.23 1.62
C12 2CF B . 12.56 7.08 1.96
C13 2CF B . 10.81 7.20 0.14
C14 2CF B . 7.86 7.15 6.33
C15 2CF B . 11.69 5.90 5.87
O1A 2CF B . 12.64 6.88 6.28
O2A 2CF B . 10.72 8.60 6.41
O3A 2CF B . 12.49 8.62 8.47
OB1 2CF B . 15.26 10.33 5.17
OB2 2CF B . 14.66 7.93 4.63
OB3 2CF B . 13.44 9.87 3.16
OB4 2CF B . 13.03 9.49 5.91
MG MG C . 12.62 12.77 1.80
MG MG D . 14.94 9.03 8.24
MG MG E . 17.20 8.13 5.59
#